data_5N0G
#
_entry.id   5N0G
#
_cell.length_a   71.230
_cell.length_b   66.630
_cell.length_c   48.920
_cell.angle_alpha   90.000
_cell.angle_beta   99.030
_cell.angle_gamma   90.000
#
_symmetry.space_group_name_H-M   'C 1 2 1'
#
loop_
_entity.id
_entity.type
_entity.pdbx_description
1 polymer 'Precorrin-8X methylmutase'
2 non-polymer '3-[(1~{R},2~{S},3~{S},4~{Z},7~{S},8~{S},9~{Z},15~{R},17~{R},18~{R},19~{R})-2,7,18-tris(2-hydroxy-2-oxoethyl)-3,13,17-tris(3-hydroxy-3-oxopropyl)-1,2,7,12,12,15,17-heptamethyl-5-prop-2-enyl-3,8,15,18,19,21-hexahydrocorrin-8-yl]propanoic acid'
3 non-polymer GLYCEROL
4 water water
#
_entity_poly.entity_id   1
_entity_poly.type   'polypeptide(L)'
_entity_poly.pdbx_seq_one_letter_code
;PHEYEKDGAKIYVQSFATIRAEADLARFTPEEEVVVVRMIHAAGMVGLENHVRFAPGMAIAARAALEAGAPILCDARMVS
EGIARARLPAKNEVICTLQDPRVPALAQEMGNTRSAAALELWRPKLEGAVVAIGNAPTALFHLLNMLEDPACPRPAAIIG
CPVGFIGAAESKAALAVANPVPWVIVEGRLGGSAITVAAVNALACRKE
;
_entity_poly.pdbx_strand_id   A
#
# COMPACT_ATOMS: atom_id res chain seq x y z
N PRO A 1 40.87 0.19 1.15
CA PRO A 1 39.63 -0.39 0.86
C PRO A 1 38.66 0.57 0.07
N HIS A 2 37.45 0.10 -0.22
CA HIS A 2 36.44 0.89 -0.78
C HIS A 2 35.93 1.92 0.24
N GLU A 3 35.72 3.14 -0.20
CA GLU A 3 35.21 4.21 0.68
C GLU A 3 33.83 4.52 0.29
N TYR A 4 32.94 4.82 1.26
CA TYR A 4 31.54 5.12 0.97
C TYR A 4 30.88 5.68 2.26
N GLU A 5 29.76 6.34 2.10
CA GLU A 5 29.02 6.91 3.23
C GLU A 5 28.43 5.85 4.14
N LYS A 6 28.77 5.91 5.43
CA LYS A 6 28.24 4.94 6.42
C LYS A 6 27.18 5.40 7.46
N ASP A 7 26.84 6.70 7.49
CA ASP A 7 25.79 7.21 8.41
C ASP A 7 24.38 7.09 7.79
N GLY A 8 23.56 6.13 8.23
CA GLY A 8 22.30 5.90 7.55
C GLY A 8 21.38 7.03 7.80
N ALA A 9 21.40 7.67 8.95
CA ALA A 9 20.52 8.85 9.10
C ALA A 9 20.81 10.00 8.11
N LYS A 10 22.11 10.24 7.86
CA LYS A 10 22.58 11.06 6.76
C LYS A 10 22.17 10.60 5.31
N ILE A 11 22.36 9.32 5.02
CA ILE A 11 21.88 8.74 3.77
C ILE A 11 20.41 9.05 3.48
N TYR A 12 19.53 8.89 4.51
CA TYR A 12 18.15 9.22 4.31
C TYR A 12 17.98 10.65 3.94
N VAL A 13 18.59 11.58 4.72
CA VAL A 13 18.33 13.00 4.46
C VAL A 13 18.79 13.42 3.04
N GLN A 14 19.97 12.92 2.67
CA GLN A 14 20.50 13.10 1.35
C GLN A 14 19.59 12.54 0.20
N SER A 15 19.04 11.34 0.40
CA SER A 15 18.16 10.69 -0.57
C SER A 15 16.94 11.55 -0.83
N PHE A 16 16.28 11.90 0.27
CA PHE A 16 15.14 12.79 0.16
C PHE A 16 15.40 14.13 -0.51
N ALA A 17 16.51 14.76 -0.20
CA ALA A 17 16.91 16.04 -0.80
C ALA A 17 17.12 15.91 -2.31
N THR A 18 17.74 14.80 -2.73
CA THR A 18 18.02 14.57 -4.16
C THR A 18 16.69 14.41 -4.94
N ILE A 19 15.77 13.62 -4.36
N ILE A 19 15.77 13.62 -4.35
CA ILE A 19 14.43 13.41 -4.94
CA ILE A 19 14.45 13.37 -4.96
C ILE A 19 13.69 14.75 -5.06
C ILE A 19 13.75 14.77 -5.06
N ARG A 20 13.70 15.55 -3.97
CA ARG A 20 12.95 16.82 -4.05
C ARG A 20 13.61 17.83 -5.06
N ALA A 21 14.92 17.71 -5.30
CA ALA A 21 15.59 18.56 -6.32
C ALA A 21 15.27 18.14 -7.78
N GLU A 22 14.92 16.89 -8.01
CA GLU A 22 14.75 16.33 -9.39
C GLU A 22 13.25 16.12 -9.84
N ALA A 23 12.34 15.79 -8.88
CA ALA A 23 10.96 15.31 -9.13
C ALA A 23 9.95 16.46 -9.31
N ASP A 24 8.91 16.14 -10.07
CA ASP A 24 7.84 17.08 -10.39
C ASP A 24 6.64 16.90 -9.40
N LEU A 25 6.68 17.60 -8.26
CA LEU A 25 5.78 17.32 -7.10
C LEU A 25 4.81 18.38 -6.74
N ALA A 26 4.69 19.36 -7.56
CA ALA A 26 3.90 20.60 -7.21
C ALA A 26 2.39 20.36 -7.04
N ARG A 27 1.83 19.42 -7.79
CA ARG A 27 0.40 19.13 -7.72
C ARG A 27 -0.10 18.44 -6.41
N PHE A 28 0.81 17.87 -5.62
CA PHE A 28 0.45 17.13 -4.40
C PHE A 28 0.27 18.07 -3.22
N THR A 29 -0.71 17.78 -2.35
CA THR A 29 -0.90 18.49 -1.10
C THR A 29 0.28 18.12 -0.19
N PRO A 30 0.53 18.91 0.87
CA PRO A 30 1.64 18.53 1.73
C PRO A 30 1.56 17.09 2.28
N GLU A 31 0.36 16.62 2.64
CA GLU A 31 0.23 15.27 3.15
C GLU A 31 0.49 14.23 2.11
N GLU A 32 0.11 14.51 0.86
CA GLU A 32 0.38 13.60 -0.24
C GLU A 32 1.86 13.59 -0.62
N GLU A 33 2.49 14.79 -0.54
CA GLU A 33 3.88 14.94 -1.09
C GLU A 33 4.85 14.04 -0.35
N VAL A 34 4.63 13.91 0.99
CA VAL A 34 5.59 13.08 1.84
C VAL A 34 5.55 11.59 1.40
N VAL A 35 4.31 11.10 1.12
CA VAL A 35 4.07 9.73 0.66
C VAL A 35 4.78 9.51 -0.68
N VAL A 36 4.53 10.39 -1.61
CA VAL A 36 5.16 10.29 -2.92
C VAL A 36 6.66 10.23 -2.82
N VAL A 37 7.25 11.16 -2.08
CA VAL A 37 8.75 11.18 -1.88
C VAL A 37 9.27 9.78 -1.44
N ARG A 38 8.59 9.16 -0.46
CA ARG A 38 9.04 7.88 0.07
C ARG A 38 8.85 6.81 -0.93
N MET A 39 7.77 6.88 -1.77
CA MET A 39 7.55 5.84 -2.81
C MET A 39 8.70 5.94 -3.87
N ILE A 40 9.03 7.18 -4.22
CA ILE A 40 10.16 7.36 -5.22
C ILE A 40 11.49 6.77 -4.65
N HIS A 41 11.73 7.12 -3.41
CA HIS A 41 12.93 6.58 -2.64
C HIS A 41 12.96 5.09 -2.74
N ALA A 42 11.85 4.41 -2.42
CA ALA A 42 11.84 2.94 -2.41
C ALA A 42 12.12 2.34 -3.79
N ALA A 43 11.60 3.03 -4.82
CA ALA A 43 11.67 2.59 -6.27
C ALA A 43 13.01 2.96 -6.99
N GLY A 44 13.75 3.97 -6.47
CA GLY A 44 14.94 4.46 -7.19
C GLY A 44 14.60 5.08 -8.54
N MET A 45 13.44 5.70 -8.59
CA MET A 45 12.86 6.15 -9.85
C MET A 45 12.14 7.49 -9.85
N VAL A 46 12.87 8.52 -10.09
CA VAL A 46 12.28 9.81 -10.35
C VAL A 46 11.48 9.65 -11.67
N GLY A 47 10.29 10.17 -11.67
CA GLY A 47 9.41 9.94 -12.79
C GLY A 47 8.15 9.15 -12.36
N LEU A 48 8.32 8.31 -11.34
CA LEU A 48 7.25 7.55 -10.74
C LEU A 48 6.13 8.48 -10.42
N GLU A 49 6.45 9.64 -9.92
CA GLU A 49 5.32 10.63 -9.47
C GLU A 49 4.35 10.98 -10.61
N ASN A 50 4.77 10.83 -11.87
CA ASN A 50 3.83 11.13 -13.04
C ASN A 50 2.66 10.05 -13.06
N HIS A 51 2.73 8.95 -12.29
CA HIS A 51 1.81 7.84 -12.32
C HIS A 51 0.97 7.76 -11.01
N VAL A 52 1.19 8.58 -9.99
CA VAL A 52 0.48 8.38 -8.73
C VAL A 52 -0.75 9.23 -8.74
N ARG A 53 -1.84 8.64 -8.20
CA ARG A 53 -3.12 9.27 -8.05
C ARG A 53 -3.68 8.99 -6.65
N PHE A 54 -4.21 10.00 -6.01
CA PHE A 54 -4.85 9.85 -4.70
C PHE A 54 -6.30 10.37 -4.82
N ALA A 55 -7.20 9.73 -4.09
CA ALA A 55 -8.50 10.35 -3.82
C ALA A 55 -8.30 11.55 -2.93
N PRO A 56 -9.09 12.59 -3.12
CA PRO A 56 -9.01 13.76 -2.16
C PRO A 56 -9.23 13.29 -0.75
N GLY A 57 -8.39 13.73 0.16
CA GLY A 57 -8.49 13.28 1.55
C GLY A 57 -7.88 12.00 1.96
N MET A 58 -7.38 11.15 1.03
CA MET A 58 -6.91 9.85 1.43
C MET A 58 -5.78 9.91 2.43
N ALA A 59 -4.74 10.73 2.14
CA ALA A 59 -3.54 10.69 2.97
C ALA A 59 -3.90 11.09 4.38
N ILE A 60 -4.73 12.15 4.53
CA ILE A 60 -5.19 12.56 5.85
C ILE A 60 -5.99 11.48 6.58
N ALA A 61 -6.90 10.84 5.85
CA ALA A 61 -7.70 9.83 6.46
C ALA A 61 -6.93 8.57 6.95
N ALA A 62 -6.00 8.13 6.11
CA ALA A 62 -5.19 6.94 6.43
C ALA A 62 -4.31 7.19 7.62
N ARG A 63 -3.60 8.38 7.67
CA ARG A 63 -2.76 8.70 8.88
C ARG A 63 -3.66 8.75 10.12
N ALA A 64 -4.82 9.39 10.06
CA ALA A 64 -5.80 9.30 11.24
C ALA A 64 -6.23 7.89 11.73
N ALA A 65 -6.55 7.02 10.80
CA ALA A 65 -6.99 5.64 11.12
C ALA A 65 -5.77 4.95 11.80
N LEU A 66 -4.57 5.13 11.23
CA LEU A 66 -3.38 4.52 11.93
C LEU A 66 -3.15 5.07 13.36
N GLU A 67 -3.29 6.37 13.55
CA GLU A 67 -3.13 7.02 14.87
C GLU A 67 -4.21 6.58 15.86
N ALA A 68 -5.30 6.07 15.33
CA ALA A 68 -6.37 5.52 16.16
C ALA A 68 -6.26 4.00 16.46
N GLY A 69 -5.18 3.36 15.97
CA GLY A 69 -4.92 1.93 16.23
C GLY A 69 -5.34 0.94 15.13
N ALA A 70 -5.77 1.43 13.94
CA ALA A 70 -6.15 0.56 12.90
C ALA A 70 -5.11 -0.49 12.52
N PRO A 71 -5.55 -1.73 12.28
CA PRO A 71 -4.63 -2.69 11.64
C PRO A 71 -4.27 -2.44 10.24
N ILE A 72 -3.26 -3.16 9.80
CA ILE A 72 -2.74 -3.06 8.46
C ILE A 72 -2.83 -4.47 7.85
N LEU A 73 -3.69 -4.58 6.85
CA LEU A 73 -3.96 -5.88 6.17
C LEU A 73 -3.20 -5.95 4.85
N CYS A 74 -2.35 -6.92 4.68
CA CYS A 74 -1.34 -6.99 3.58
C CYS A 74 -1.57 -8.23 2.73
N ASP A 75 -1.43 -8.08 1.41
CA ASP A 75 -1.64 -9.23 0.48
C ASP A 75 -0.54 -10.25 0.58
N ALA A 76 0.68 -9.79 0.84
CA ALA A 76 1.89 -10.65 0.65
C ALA A 76 2.81 -10.50 1.84
N ARG A 77 3.58 -11.55 2.14
CA ARG A 77 4.55 -11.46 3.23
C ARG A 77 5.69 -10.37 3.04
N MET A 78 6.01 -10.11 1.78
CA MET A 78 7.03 -9.07 1.42
C MET A 78 6.49 -7.71 1.84
N VAL A 79 5.17 -7.55 1.83
CA VAL A 79 4.59 -6.32 2.39
C VAL A 79 4.59 -6.28 3.93
N SER A 80 4.03 -7.32 4.56
CA SER A 80 3.98 -7.39 6.02
C SER A 80 5.37 -7.25 6.70
N GLU A 81 6.37 -7.93 6.12
CA GLU A 81 7.77 -7.83 6.64
C GLU A 81 8.47 -6.47 6.48
N GLY A 82 8.05 -5.67 5.53
CA GLY A 82 8.63 -4.43 5.27
C GLY A 82 8.19 -3.32 6.16
N ILE A 83 7.04 -3.45 6.70
CA ILE A 83 6.49 -2.33 7.51
C ILE A 83 7.35 -2.16 8.69
N ALA A 84 7.70 -0.90 8.98
CA ALA A 84 8.61 -0.61 10.12
C ALA A 84 7.88 -0.55 11.44
N ARG A 85 8.05 -1.61 12.23
CA ARG A 85 7.37 -1.68 13.53
C ARG A 85 7.67 -0.41 14.37
N ALA A 86 8.91 0.10 14.29
CA ALA A 86 9.22 1.33 15.04
C ALA A 86 8.42 2.61 14.75
N ARG A 87 7.99 2.72 13.48
CA ARG A 87 7.25 3.91 13.01
C ARG A 87 5.78 3.83 13.40
N LEU A 88 5.29 2.69 13.92
CA LEU A 88 3.83 2.57 14.14
C LEU A 88 3.42 3.35 15.32
N PRO A 89 2.33 4.10 15.20
CA PRO A 89 1.99 5.05 16.29
C PRO A 89 1.17 4.53 17.47
N ALA A 90 0.54 3.37 17.30
CA ALA A 90 -0.47 2.91 18.27
C ALA A 90 -0.50 1.36 18.39
N LYS A 91 0.68 0.71 18.35
CA LYS A 91 0.78 -0.73 18.58
C LYS A 91 -0.05 -1.46 17.48
N ASN A 92 0.06 -0.98 16.26
CA ASN A 92 -0.91 -1.44 15.18
C ASN A 92 -0.60 -2.90 14.80
N GLU A 93 -1.63 -3.76 14.71
CA GLU A 93 -1.39 -5.10 14.17
C GLU A 93 -1.08 -5.12 12.74
N VAL A 94 -0.06 -5.89 12.28
CA VAL A 94 0.26 -6.04 10.87
C VAL A 94 -0.07 -7.48 10.45
N ILE A 95 -0.97 -7.62 9.52
CA ILE A 95 -1.59 -8.96 9.25
C ILE A 95 -1.45 -9.41 7.84
N CYS A 96 -0.97 -10.64 7.57
CA CYS A 96 -1.09 -11.25 6.29
C CYS A 96 -1.63 -12.72 6.50
N THR A 97 -2.76 -13.09 5.80
CA THR A 97 -3.38 -14.39 5.93
C THR A 97 -3.08 -15.37 4.81
N LEU A 98 -2.17 -14.95 3.92
CA LEU A 98 -1.84 -15.73 2.74
C LEU A 98 -1.42 -17.15 3.08
N GLN A 99 -0.66 -17.41 4.14
CA GLN A 99 -0.13 -18.74 4.44
C GLN A 99 -0.96 -19.49 5.44
N ASP A 100 -2.12 -18.95 5.76
CA ASP A 100 -3.10 -19.76 6.58
C ASP A 100 -3.35 -21.16 5.97
N PRO A 101 -3.26 -22.24 6.79
CA PRO A 101 -3.39 -23.63 6.21
C PRO A 101 -4.78 -23.91 5.54
N ARG A 102 -5.80 -23.05 5.76
CA ARG A 102 -7.12 -23.16 5.14
C ARG A 102 -7.19 -22.56 3.73
N VAL A 103 -6.18 -21.76 3.33
CA VAL A 103 -6.26 -20.97 2.07
C VAL A 103 -6.16 -21.85 0.78
N PRO A 104 -5.29 -22.86 0.74
CA PRO A 104 -5.25 -23.67 -0.52
C PRO A 104 -6.61 -24.32 -0.91
N ALA A 105 -7.30 -24.90 0.06
CA ALA A 105 -8.61 -25.53 -0.18
C ALA A 105 -9.72 -24.52 -0.43
N LEU A 106 -9.70 -23.37 0.26
CA LEU A 106 -10.68 -22.31 -0.04
C LEU A 106 -10.53 -21.74 -1.49
N ALA A 107 -9.28 -21.62 -1.90
CA ALA A 107 -8.99 -21.10 -3.22
C ALA A 107 -9.51 -22.08 -4.29
N GLN A 108 -9.27 -23.37 -4.11
CA GLN A 108 -9.80 -24.44 -5.03
C GLN A 108 -11.34 -24.32 -5.14
N GLU A 109 -12.00 -24.19 -4.02
CA GLU A 109 -13.50 -24.17 -3.98
C GLU A 109 -14.07 -22.90 -4.60
N MET A 110 -13.34 -21.76 -4.45
CA MET A 110 -13.69 -20.44 -5.01
C MET A 110 -13.29 -20.34 -6.49
N GLY A 111 -12.50 -21.30 -6.99
CA GLY A 111 -11.85 -21.16 -8.36
C GLY A 111 -11.10 -19.85 -8.53
N ASN A 112 -10.29 -19.53 -7.53
CA ASN A 112 -9.59 -18.24 -7.50
C ASN A 112 -8.18 -18.48 -7.04
N THR A 113 -7.33 -17.41 -7.13
CA THR A 113 -5.98 -17.53 -6.52
C THR A 113 -5.94 -17.59 -5.01
N ARG A 114 -4.85 -18.15 -4.49
N ARG A 114 -4.84 -18.14 -4.49
CA ARG A 114 -4.61 -18.08 -3.03
CA ARG A 114 -4.59 -18.10 -3.02
C ARG A 114 -4.60 -16.62 -2.49
C ARG A 114 -4.57 -16.64 -2.48
N SER A 115 -3.97 -15.71 -3.23
CA SER A 115 -3.90 -14.29 -2.83
C SER A 115 -5.28 -13.72 -2.60
N ALA A 116 -6.18 -14.02 -3.51
CA ALA A 116 -7.58 -13.55 -3.42
C ALA A 116 -8.33 -14.25 -2.30
N ALA A 117 -8.24 -15.61 -2.20
CA ALA A 117 -9.06 -16.37 -1.21
C ALA A 117 -8.70 -15.91 0.24
N ALA A 118 -7.40 -15.66 0.44
CA ALA A 118 -6.96 -15.19 1.75
C ALA A 118 -7.61 -13.96 2.24
N LEU A 119 -8.15 -13.09 1.36
CA LEU A 119 -8.89 -11.92 1.82
C LEU A 119 -10.17 -12.25 2.57
N GLU A 120 -10.73 -13.42 2.30
CA GLU A 120 -11.95 -13.81 3.09
C GLU A 120 -11.67 -13.82 4.59
N LEU A 121 -10.48 -14.29 4.97
CA LEU A 121 -10.04 -14.24 6.36
C LEU A 121 -9.76 -12.82 7.05
N TRP A 122 -9.81 -11.77 6.25
CA TRP A 122 -9.66 -10.39 6.74
C TRP A 122 -10.92 -9.88 7.37
N ARG A 123 -12.08 -10.48 7.06
CA ARG A 123 -13.41 -9.96 7.54
C ARG A 123 -13.49 -9.41 8.97
N PRO A 124 -12.93 -10.16 9.97
CA PRO A 124 -13.03 -9.69 11.32
C PRO A 124 -12.17 -8.49 11.69
N LYS A 125 -11.15 -8.25 10.86
CA LYS A 125 -10.24 -7.12 11.04
C LYS A 125 -10.43 -5.94 10.03
N LEU A 126 -11.34 -6.13 9.03
CA LEU A 126 -11.53 -5.17 7.96
C LEU A 126 -12.17 -3.84 8.31
N GLU A 127 -13.08 -3.80 9.26
CA GLU A 127 -13.74 -2.51 9.60
C GLU A 127 -12.72 -1.49 10.08
N GLY A 128 -12.59 -0.41 9.32
CA GLY A 128 -11.59 0.63 9.75
C GLY A 128 -10.13 0.37 9.44
N ALA A 129 -9.78 -0.78 8.85
CA ALA A 129 -8.39 -1.08 8.45
C ALA A 129 -7.78 -0.17 7.38
N VAL A 130 -6.45 -0.20 7.36
CA VAL A 130 -5.66 0.24 6.17
C VAL A 130 -5.24 -0.95 5.43
N VAL A 131 -5.70 -1.04 4.22
CA VAL A 131 -5.37 -2.13 3.27
C VAL A 131 -4.13 -1.77 2.46
N ALA A 132 -3.18 -2.74 2.42
CA ALA A 132 -1.98 -2.54 1.65
C ALA A 132 -1.85 -3.73 0.68
N ILE A 133 -2.20 -3.50 -0.59
CA ILE A 133 -2.06 -4.49 -1.67
C ILE A 133 -0.91 -4.11 -2.64
N GLY A 134 0.18 -4.83 -2.49
CA GLY A 134 1.41 -4.62 -3.26
C GLY A 134 1.80 -5.58 -4.32
N ASN A 135 1.07 -6.67 -4.42
N ASN A 135 1.05 -6.69 -4.48
CA ASN A 135 1.38 -7.67 -5.32
CA ASN A 135 1.46 -7.86 -5.30
C ASN A 135 0.27 -8.03 -6.34
C ASN A 135 0.43 -8.56 -6.23
N ALA A 136 -0.81 -8.62 -5.81
CA ALA A 136 -1.78 -9.51 -6.54
C ALA A 136 -2.95 -8.62 -7.12
N PRO A 137 -3.05 -8.55 -8.46
CA PRO A 137 -4.23 -7.80 -8.99
C PRO A 137 -5.56 -8.55 -8.60
N THR A 138 -5.51 -9.91 -8.55
CA THR A 138 -6.71 -10.67 -8.19
C THR A 138 -7.22 -10.30 -6.77
N ALA A 139 -6.28 -10.06 -5.85
CA ALA A 139 -6.71 -9.64 -4.54
C ALA A 139 -7.48 -8.29 -4.57
N LEU A 140 -6.98 -7.34 -5.35
CA LEU A 140 -7.61 -6.02 -5.42
C LEU A 140 -9.03 -6.16 -6.12
N PHE A 141 -9.09 -6.94 -7.21
CA PHE A 141 -10.38 -7.08 -7.89
C PHE A 141 -11.36 -7.83 -6.94
N HIS A 142 -10.88 -8.90 -6.26
CA HIS A 142 -11.75 -9.64 -5.30
C HIS A 142 -12.24 -8.71 -4.15
N LEU A 143 -11.34 -7.81 -3.69
CA LEU A 143 -11.72 -6.88 -2.62
C LEU A 143 -12.90 -5.93 -3.09
N LEU A 144 -12.77 -5.44 -4.32
CA LEU A 144 -13.86 -4.57 -4.95
C LEU A 144 -15.19 -5.30 -4.89
N ASN A 145 -15.18 -6.58 -5.31
CA ASN A 145 -16.41 -7.41 -5.30
C ASN A 145 -16.92 -7.66 -3.91
N MET A 146 -16.05 -7.96 -2.95
CA MET A 146 -16.41 -8.06 -1.54
C MET A 146 -17.23 -6.86 -1.04
N LEU A 147 -16.77 -5.71 -1.34
CA LEU A 147 -17.31 -4.41 -0.92
C LEU A 147 -18.57 -3.99 -1.65
N GLU A 148 -18.92 -4.76 -2.66
CA GLU A 148 -20.26 -4.52 -3.33
C GLU A 148 -21.39 -5.08 -2.44
N ASP A 149 -21.07 -5.97 -1.47
CA ASP A 149 -22.08 -6.38 -0.51
C ASP A 149 -22.20 -5.38 0.64
N PRO A 150 -23.40 -4.77 0.89
CA PRO A 150 -23.46 -3.78 2.04
C PRO A 150 -23.15 -4.33 3.44
N ALA A 151 -23.23 -5.62 3.57
CA ALA A 151 -22.90 -6.27 4.84
C ALA A 151 -21.42 -6.46 5.08
N CYS A 152 -20.56 -6.35 4.05
CA CYS A 152 -19.09 -6.47 4.25
C CYS A 152 -18.52 -5.30 5.07
N PRO A 153 -17.67 -5.60 6.09
CA PRO A 153 -16.99 -4.52 6.81
C PRO A 153 -16.13 -3.69 5.83
N ARG A 154 -16.02 -2.39 6.07
CA ARG A 154 -15.35 -1.49 5.12
C ARG A 154 -14.08 -0.89 5.76
N PRO A 155 -12.93 -1.02 5.04
CA PRO A 155 -11.78 -0.35 5.48
C PRO A 155 -11.82 1.20 5.50
N ALA A 156 -10.86 1.76 6.29
CA ALA A 156 -10.64 3.24 6.30
C ALA A 156 -9.99 3.78 5.01
N ALA A 157 -9.14 2.95 4.40
CA ALA A 157 -8.39 3.33 3.21
C ALA A 157 -7.78 2.15 2.56
N ILE A 158 -7.45 2.29 1.25
CA ILE A 158 -6.78 1.26 0.47
C ILE A 158 -5.62 1.83 -0.26
N ILE A 159 -4.50 1.20 -0.08
CA ILE A 159 -3.33 1.49 -0.86
C ILE A 159 -3.30 0.33 -1.89
N GLY A 160 -3.72 0.65 -3.12
CA GLY A 160 -3.81 -0.26 -4.21
C GLY A 160 -2.69 -0.16 -5.22
N CYS A 161 -1.60 -0.83 -4.99
CA CYS A 161 -0.39 -0.73 -5.88
C CYS A 161 0.13 -2.10 -6.36
N PRO A 162 -0.79 -3.02 -6.80
CA PRO A 162 -0.25 -4.21 -7.47
C PRO A 162 0.58 -3.86 -8.75
N VAL A 163 1.49 -4.74 -9.12
CA VAL A 163 2.43 -4.54 -10.21
C VAL A 163 2.11 -5.56 -11.31
N GLY A 164 2.61 -5.32 -12.48
CA GLY A 164 2.68 -6.40 -13.49
C GLY A 164 1.91 -6.09 -14.83
N PHE A 165 1.87 -7.14 -15.67
CA PHE A 165 1.47 -7.16 -17.10
C PHE A 165 -0.02 -7.62 -17.35
N ILE A 166 -0.45 -8.50 -16.46
CA ILE A 166 -1.80 -9.13 -16.58
C ILE A 166 -2.66 -8.73 -15.35
N GLY A 167 -3.66 -7.88 -15.64
CA GLY A 167 -4.64 -7.56 -14.59
C GLY A 167 -4.35 -6.30 -13.75
N ALA A 168 -3.03 -5.99 -13.65
CA ALA A 168 -2.57 -4.98 -12.63
C ALA A 168 -3.17 -3.63 -12.98
N ALA A 169 -2.86 -3.18 -14.21
CA ALA A 169 -3.36 -1.81 -14.54
C ALA A 169 -4.93 -1.69 -14.39
N GLU A 170 -5.58 -2.74 -14.88
CA GLU A 170 -7.05 -2.77 -14.90
C GLU A 170 -7.62 -2.73 -13.47
N SER A 171 -6.98 -3.47 -12.55
CA SER A 171 -7.53 -3.51 -11.18
C SER A 171 -7.44 -2.17 -10.45
N LYS A 172 -6.36 -1.43 -10.79
CA LYS A 172 -6.10 -0.12 -10.11
C LYS A 172 -7.06 0.93 -10.75
N ALA A 173 -7.22 0.87 -12.08
CA ALA A 173 -8.21 1.80 -12.79
C ALA A 173 -9.66 1.49 -12.25
N ALA A 174 -9.98 0.20 -12.03
CA ALA A 174 -11.30 -0.14 -11.44
C ALA A 174 -11.52 0.36 -10.00
N LEU A 175 -10.44 0.27 -9.16
CA LEU A 175 -10.46 0.88 -7.81
C LEU A 175 -10.85 2.40 -7.77
N ALA A 176 -10.23 3.11 -8.67
CA ALA A 176 -10.36 4.52 -8.71
C ALA A 176 -11.75 4.90 -9.25
N VAL A 177 -12.24 4.15 -10.20
CA VAL A 177 -13.60 4.42 -10.85
C VAL A 177 -14.68 4.08 -9.78
N ALA A 178 -14.42 2.97 -9.07
CA ALA A 178 -15.42 2.50 -8.10
C ALA A 178 -15.46 3.45 -6.84
N ASN A 179 -14.30 3.99 -6.46
CA ASN A 179 -14.17 4.87 -5.29
C ASN A 179 -14.88 4.33 -4.03
N PRO A 180 -14.62 3.07 -3.62
CA PRO A 180 -15.39 2.49 -2.47
C PRO A 180 -15.11 3.26 -1.09
N VAL A 181 -13.82 3.50 -0.88
CA VAL A 181 -13.23 4.15 0.29
C VAL A 181 -11.97 4.97 -0.18
N PRO A 182 -11.46 5.91 0.64
CA PRO A 182 -10.36 6.66 0.13
C PRO A 182 -9.19 5.79 -0.31
N TRP A 183 -8.58 6.15 -1.45
CA TRP A 183 -7.61 5.26 -2.11
C TRP A 183 -6.36 6.00 -2.65
N VAL A 184 -5.26 5.21 -2.90
CA VAL A 184 -4.14 5.72 -3.73
C VAL A 184 -3.73 4.61 -4.63
N ILE A 185 -3.18 4.94 -5.79
CA ILE A 185 -2.70 3.94 -6.77
C ILE A 185 -1.47 4.48 -7.48
N VAL A 186 -0.75 3.57 -8.12
CA VAL A 186 0.20 3.82 -9.20
C VAL A 186 -0.42 3.34 -10.52
N GLU A 187 -0.87 4.26 -11.39
CA GLU A 187 -1.54 3.87 -12.65
C GLU A 187 -0.55 3.09 -13.56
N GLY A 188 -1.06 2.04 -14.21
CA GLY A 188 -0.33 1.33 -15.22
C GLY A 188 0.29 0.08 -14.61
N ARG A 189 1.42 -0.32 -15.17
CA ARG A 189 2.10 -1.57 -14.78
C ARG A 189 2.96 -1.47 -13.60
N LEU A 190 3.46 -0.27 -13.27
CA LEU A 190 4.38 -0.16 -12.13
C LEU A 190 3.65 -0.27 -10.79
N GLY A 191 4.39 -0.66 -9.74
CA GLY A 191 3.82 -0.77 -8.36
C GLY A 191 4.74 -1.71 -7.56
N GLY A 192 4.17 -2.51 -6.64
CA GLY A 192 4.95 -3.59 -5.98
C GLY A 192 5.09 -3.42 -4.46
N SER A 193 5.69 -4.36 -3.78
N SER A 193 5.72 -4.41 -3.84
CA SER A 193 5.71 -4.40 -2.30
CA SER A 193 5.81 -4.52 -2.38
C SER A 193 6.53 -3.22 -1.69
C SER A 193 6.51 -3.29 -1.78
N ALA A 194 7.66 -2.88 -2.38
CA ALA A 194 8.46 -1.75 -1.86
C ALA A 194 7.73 -0.43 -1.86
N ILE A 195 7.06 -0.10 -2.94
CA ILE A 195 6.35 1.17 -3.05
C ILE A 195 5.20 1.19 -2.03
N THR A 196 4.53 0.07 -1.98
CA THR A 196 3.37 -0.08 -0.97
C THR A 196 3.74 0.10 0.48
N VAL A 197 4.76 -0.66 0.93
CA VAL A 197 5.45 -0.46 2.22
C VAL A 197 5.83 1.01 2.46
N ALA A 198 6.49 1.59 1.47
CA ALA A 198 6.94 2.98 1.66
C ALA A 198 5.69 3.90 1.94
N ALA A 199 4.59 3.66 1.21
CA ALA A 199 3.37 4.43 1.51
C ALA A 199 2.82 4.27 2.89
N VAL A 200 2.82 3.04 3.37
CA VAL A 200 2.34 2.77 4.75
C VAL A 200 3.30 3.49 5.78
N ASN A 201 4.64 3.29 5.63
CA ASN A 201 5.62 3.85 6.52
C ASN A 201 5.54 5.40 6.50
N ALA A 202 5.16 5.99 5.35
CA ALA A 202 5.08 7.47 5.26
C ALA A 202 3.86 7.99 6.05
N LEU A 203 2.82 7.26 5.91
CA LEU A 203 1.52 7.56 6.61
C LEU A 203 1.48 7.34 8.12
N ALA A 204 2.28 6.34 8.57
CA ALA A 204 2.33 5.93 9.98
C ALA A 204 2.91 6.98 10.95
N CYS A 205 3.89 7.75 10.51
CA CYS A 205 4.68 8.64 11.39
C CYS A 205 4.84 9.97 10.74
N ARG A 206 4.70 11.04 11.53
CA ARG A 206 4.80 12.39 10.97
C ARG A 206 6.25 12.75 10.62
N LYS A 207 7.22 12.26 11.38
CA LYS A 207 8.65 12.44 11.02
C LYS A 207 9.03 11.61 9.79
N GLU A 208 9.84 12.19 8.88
CA GLU A 208 10.38 11.51 7.70
C GLU A 208 11.47 10.59 8.06
#